data_106D
#
_entry.id   106D
#
_cell.length_a   1.000
_cell.length_b   1.000
_cell.length_c   1.000
_cell.angle_alpha   90.00
_cell.angle_beta   90.00
_cell.angle_gamma   90.00
#
_symmetry.space_group_name_H-M   'P 1'
#
_entity_poly.entity_id   1
_entity_poly.type   'polydeoxyribonucleotide'
_entity_poly.pdbx_seq_one_letter_code
;(MCY)(DC)(DT)
;
_entity_poly.pdbx_strand_id   A,B,C,D
#